data_3KJY
#
_entry.id   3KJY
#
_cell.length_a   48.080
_cell.length_b   48.380
_cell.length_c   59.760
_cell.angle_alpha   69.68
_cell.angle_beta   80.89
_cell.angle_gamma   74.60
#
_symmetry.space_group_name_H-M   'P 1'
#
loop_
_entity.id
_entity.type
_entity.pdbx_description
1 polymer 'Chloride intracellular channel protein 3'
2 non-polymer 'SULFATE ION'
3 water water
#
_entity_poly.entity_id   1
_entity_poly.type   'polypeptide(L)'
_entity_poly.pdbx_seq_one_letter_code
;MAHHHHHHSAALEVLFQGPGMAETKLQLFVKASEDGESVGHCPSCQRLFMVLLLKGVPFTLTTVDTRRSPDVLKDFAPGS
QLPILLYDSDAKTDTLQIEDFLEETLGPPDFPSLAPRYRESNTAGNDVFHKFSAFIKNPVPAQDEALYQQLLRALARLDS
YLRAPLEHELAGEPQLRESRRRFLDGDRLTLADCSLLPKLHIVDTVCAHFRQAPIPAELRGVRRYLDSAMQEKEFKYTCP
HSAEILAAYR
;
_entity_poly.pdbx_strand_id   A,B
#
loop_
_chem_comp.id
_chem_comp.type
_chem_comp.name
_chem_comp.formula
SO4 non-polymer 'SULFATE ION' 'O4 S -2'
#
# COMPACT_ATOMS: atom_id res chain seq x y z
N LEU A 12 -16.09 11.18 27.56
CA LEU A 12 -15.95 10.13 28.57
C LEU A 12 -14.51 9.66 28.78
N GLU A 13 -14.34 8.75 29.72
CA GLU A 13 -13.02 8.22 30.07
C GLU A 13 -13.13 6.75 30.44
N VAL A 14 -12.09 5.98 30.15
CA VAL A 14 -12.09 4.56 30.47
C VAL A 14 -10.77 4.09 31.08
N LEU A 15 -10.86 3.56 32.30
CA LEU A 15 -9.71 3.02 33.00
C LEU A 15 -9.60 1.50 32.82
N PHE A 16 -8.53 1.07 32.18
CA PHE A 16 -8.28 -0.35 31.97
C PHE A 16 -7.22 -0.87 32.91
N GLN A 17 -7.38 -2.11 33.35
CA GLN A 17 -6.47 -2.70 34.33
C GLN A 17 -6.68 -4.21 34.42
N THR A 24 -2.89 7.29 35.33
CA THR A 24 -1.77 6.36 35.38
C THR A 24 -0.59 6.88 34.55
N LYS A 25 0.31 5.96 34.18
CA LYS A 25 1.43 6.31 33.32
C LYS A 25 0.92 6.61 31.91
N LEU A 26 0.13 5.68 31.38
CA LEU A 26 -0.31 5.72 29.98
C LEU A 26 -1.71 6.30 29.78
N GLN A 27 -1.80 7.35 28.97
CA GLN A 27 -3.07 7.98 28.66
C GLN A 27 -3.20 8.25 27.16
N LEU A 28 -4.16 7.60 26.53
CA LEU A 28 -4.40 7.77 25.10
C LEU A 28 -5.60 8.67 24.87
N PHE A 29 -5.38 9.77 24.16
CA PHE A 29 -6.48 10.66 23.77
C PHE A 29 -6.97 10.28 22.38
N VAL A 30 -8.28 10.11 22.25
CA VAL A 30 -8.88 9.68 20.98
C VAL A 30 -10.15 10.48 20.72
N LYS A 31 -10.62 10.47 19.48
CA LYS A 31 -11.84 11.21 19.12
C LYS A 31 -13.09 10.63 19.80
N ALA A 32 -13.99 11.52 20.21
CA ALA A 32 -15.25 11.09 20.81
C ALA A 32 -16.30 10.94 19.73
N SER A 33 -17.34 10.16 20.01
CA SER A 33 -18.47 10.05 19.10
C SER A 33 -19.27 11.37 19.11
N GLU A 34 -20.17 11.54 18.15
CA GLU A 34 -20.95 12.77 18.04
C GLU A 34 -21.80 13.06 19.28
N ASP A 35 -22.39 12.03 19.85
CA ASP A 35 -23.21 12.19 21.04
C ASP A 35 -22.36 12.20 22.32
N GLY A 36 -21.06 11.99 22.15
CA GLY A 36 -20.10 12.05 23.24
C GLY A 36 -20.05 10.82 24.14
N GLU A 37 -20.83 9.79 23.81
CA GLU A 37 -21.03 8.66 24.72
C GLU A 37 -20.14 7.46 24.43
N SER A 38 -19.54 7.43 23.24
CA SER A 38 -18.65 6.34 22.88
C SER A 38 -17.41 6.87 22.19
N VAL A 39 -16.56 5.96 21.71
CA VAL A 39 -15.41 6.39 20.96
C VAL A 39 -15.84 6.75 19.55
N GLY A 40 -15.18 7.75 18.98
CA GLY A 40 -15.52 8.26 17.67
C GLY A 40 -14.86 7.47 16.55
N HIS A 41 -15.27 7.76 15.33
CA HIS A 41 -14.67 7.17 14.17
C HIS A 41 -13.24 7.69 13.97
N CYS A 42 -12.30 6.75 13.87
CA CYS A 42 -10.91 7.05 13.54
C CYS A 42 -10.08 5.79 13.64
N PRO A 43 -9.63 5.26 12.48
CA PRO A 43 -8.93 3.97 12.45
C PRO A 43 -7.58 4.00 13.16
N SER A 44 -6.91 5.14 13.20
CA SER A 44 -5.63 5.23 13.93
C SER A 44 -5.86 5.22 15.44
N CYS A 45 -6.93 5.88 15.86
CA CYS A 45 -7.35 5.79 17.26
C CYS A 45 -7.62 4.34 17.66
N GLN A 46 -8.39 3.62 16.84
CA GLN A 46 -8.73 2.25 17.18
C GLN A 46 -7.50 1.36 17.16
N ARG A 47 -6.63 1.59 16.18
CA ARG A 47 -5.36 0.87 16.11
C ARG A 47 -4.57 0.84 17.40
N LEU A 48 -4.34 2.02 17.98
CA LEU A 48 -3.56 2.13 19.20
C LEU A 48 -4.35 1.64 20.42
N PHE A 49 -5.65 1.86 20.39
CA PHE A 49 -6.56 1.30 21.41
C PHE A 49 -6.37 -0.22 21.47
N MET A 50 -6.42 -0.88 20.31
CA MET A 50 -6.16 -2.31 20.24
C MET A 50 -4.77 -2.69 20.77
N VAL A 51 -3.74 -1.99 20.33
CA VAL A 51 -2.37 -2.31 20.75
C VAL A 51 -2.26 -2.32 22.26
N LEU A 52 -2.81 -1.29 22.90
CA LEU A 52 -2.76 -1.18 24.35
C LEU A 52 -3.54 -2.28 25.06
N LEU A 53 -4.71 -2.64 24.54
CA LEU A 53 -5.48 -3.76 25.08
C LEU A 53 -4.72 -5.07 24.93
N LEU A 54 -4.18 -5.31 23.74
CA LEU A 54 -3.43 -6.53 23.46
C LEU A 54 -2.14 -6.65 24.28
N LYS A 55 -1.57 -5.51 24.69
CA LYS A 55 -0.42 -5.57 25.58
C LYS A 55 -0.85 -6.04 26.96
N GLY A 56 -2.11 -5.75 27.31
CA GLY A 56 -2.62 -6.05 28.64
C GLY A 56 -2.00 -5.17 29.71
N VAL A 57 -1.64 -3.94 29.32
CA VAL A 57 -1.06 -2.96 30.24
C VAL A 57 -2.17 -2.04 30.74
N PRO A 58 -2.09 -1.62 32.02
CA PRO A 58 -3.06 -0.66 32.53
C PRO A 58 -2.97 0.64 31.76
N PHE A 59 -4.11 1.30 31.50
CA PHE A 59 -4.07 2.59 30.83
C PHE A 59 -5.40 3.31 30.91
N THR A 60 -5.36 4.62 30.63
CA THR A 60 -6.57 5.43 30.56
C THR A 60 -6.85 5.87 29.12
N LEU A 61 -8.10 5.66 28.67
CA LEU A 61 -8.57 6.14 27.38
C LEU A 61 -9.48 7.35 27.59
N THR A 62 -9.14 8.46 26.95
CA THR A 62 -9.91 9.68 27.09
C THR A 62 -10.40 10.16 25.74
N THR A 63 -11.71 10.15 25.54
CA THR A 63 -12.29 10.66 24.30
C THR A 63 -12.30 12.18 24.35
N VAL A 64 -12.29 12.80 23.17
CA VAL A 64 -12.28 14.25 23.03
C VAL A 64 -13.20 14.66 21.90
N ASP A 65 -14.08 15.62 22.13
CA ASP A 65 -14.98 16.06 21.07
C ASP A 65 -14.44 17.29 20.34
N PHE A 76 -0.39 21.53 22.47
CA PHE A 76 0.60 20.68 21.81
C PHE A 76 1.34 21.41 20.69
N ALA A 77 1.43 20.77 19.53
CA ALA A 77 2.20 21.30 18.41
C ALA A 77 1.35 21.46 17.16
N PRO A 78 1.65 22.48 16.35
CA PRO A 78 0.86 22.86 15.17
C PRO A 78 0.41 21.68 14.32
N GLY A 79 -0.89 21.58 14.09
CA GLY A 79 -1.44 20.58 13.21
C GLY A 79 -1.38 19.18 13.80
N SER A 80 -1.12 19.11 15.11
CA SER A 80 -1.20 17.84 15.80
C SER A 80 -2.63 17.32 15.70
N GLN A 81 -2.78 16.01 15.69
CA GLN A 81 -4.11 15.43 15.67
C GLN A 81 -4.17 14.19 16.53
N LEU A 82 -5.38 13.80 16.90
CA LEU A 82 -5.60 12.60 17.67
C LEU A 82 -5.40 11.42 16.74
N PRO A 83 -4.89 10.30 17.26
CA PRO A 83 -4.65 10.01 18.68
C PRO A 83 -3.36 10.64 19.19
N ILE A 84 -3.32 10.90 20.49
CA ILE A 84 -2.12 11.37 21.17
C ILE A 84 -1.93 10.50 22.41
N LEU A 85 -0.69 10.20 22.74
CA LEU A 85 -0.42 9.39 23.92
C LEU A 85 0.37 10.21 24.92
N LEU A 86 -0.16 10.31 26.13
CA LEU A 86 0.60 10.89 27.23
C LEU A 86 1.21 9.76 28.06
N TYR A 87 2.53 9.84 28.26
CA TYR A 87 3.24 8.89 29.10
C TYR A 87 4.12 9.69 30.05
N ASP A 88 3.87 9.55 31.35
CA ASP A 88 4.40 10.48 32.34
C ASP A 88 3.77 11.84 32.03
N SER A 89 4.59 12.76 31.56
CA SER A 89 4.11 14.04 31.06
C SER A 89 4.49 14.17 29.60
N ASP A 90 5.32 13.23 29.13
CA ASP A 90 5.73 13.18 27.74
C ASP A 90 4.51 12.96 26.84
N ALA A 91 4.55 13.58 25.66
CA ALA A 91 3.48 13.46 24.68
C ALA A 91 4.01 12.99 23.35
N LYS A 92 3.41 11.95 22.79
CA LYS A 92 3.71 11.51 21.44
C LYS A 92 2.46 11.67 20.60
N THR A 93 2.57 12.38 19.47
CA THR A 93 1.37 12.71 18.71
C THR A 93 1.21 11.99 17.38
N ASP A 94 2.23 11.27 16.95
CA ASP A 94 2.16 10.58 15.65
C ASP A 94 1.93 9.08 15.84
N THR A 95 0.99 8.54 15.06
CA THR A 95 0.47 7.19 15.30
C THR A 95 1.54 6.11 15.24
N LEU A 96 2.36 6.18 14.20
CA LEU A 96 3.46 5.23 14.03
C LEU A 96 4.46 5.34 15.18
N GLN A 97 4.80 6.58 15.55
CA GLN A 97 5.69 6.86 16.68
C GLN A 97 5.13 6.23 17.96
N ILE A 98 3.86 6.49 18.24
CA ILE A 98 3.21 5.92 19.41
C ILE A 98 3.32 4.41 19.41
N GLU A 99 3.00 3.80 18.27
CA GLU A 99 2.98 2.35 18.15
C GLU A 99 4.34 1.75 18.45
N ASP A 100 5.37 2.26 17.78
CA ASP A 100 6.73 1.77 17.97
C ASP A 100 7.16 1.88 19.43
N PHE A 101 6.82 3.02 20.04
CA PHE A 101 7.11 3.26 21.44
C PHE A 101 6.52 2.18 22.35
N LEU A 102 5.26 1.85 22.12
CA LEU A 102 4.57 0.87 22.94
C LEU A 102 5.14 -0.52 22.75
N GLU A 103 5.43 -0.87 21.49
CA GLU A 103 6.04 -2.16 21.19
C GLU A 103 7.43 -2.27 21.81
N GLU A 104 8.15 -1.15 21.85
CA GLU A 104 9.51 -1.14 22.39
C GLU A 104 9.54 -1.13 23.92
N THR A 105 8.80 -0.21 24.54
CA THR A 105 8.87 -0.06 26.00
C THR A 105 8.02 -1.07 26.78
N LEU A 106 7.09 -1.74 26.10
CA LEU A 106 6.31 -2.82 26.73
C LEU A 106 6.66 -4.16 26.10
N GLY A 107 7.64 -4.85 26.65
CA GLY A 107 8.09 -6.10 26.07
C GLY A 107 8.11 -7.26 27.04
N PRO A 108 8.43 -8.46 26.56
CA PRO A 108 8.52 -9.60 27.47
C PRO A 108 9.49 -9.28 28.60
N PRO A 109 9.33 -9.92 29.75
CA PRO A 109 8.31 -10.94 30.03
C PRO A 109 6.97 -10.36 30.46
N ASP A 110 6.97 -9.12 30.95
CA ASP A 110 5.75 -8.51 31.48
C ASP A 110 4.66 -8.34 30.43
N PHE A 111 5.06 -8.06 29.18
CA PHE A 111 4.10 -7.85 28.09
C PHE A 111 4.55 -8.56 26.80
N PRO A 112 3.59 -9.10 26.04
CA PRO A 112 3.86 -9.80 24.78
C PRO A 112 4.28 -8.83 23.70
N SER A 113 5.27 -9.22 22.90
CA SER A 113 5.64 -8.50 21.69
C SER A 113 4.55 -8.73 20.65
N LEU A 114 4.13 -7.66 19.99
CA LEU A 114 3.05 -7.73 19.02
C LEU A 114 3.56 -7.59 17.58
N ALA A 115 4.88 -7.45 17.41
CA ALA A 115 5.45 -7.41 16.07
C ALA A 115 5.08 -8.70 15.33
N PRO A 116 4.66 -8.58 14.08
CA PRO A 116 4.45 -9.80 13.29
C PRO A 116 5.78 -10.50 12.96
N ARG A 117 5.70 -11.82 12.83
CA ARG A 117 6.86 -12.64 12.50
C ARG A 117 7.27 -12.51 11.05
N TYR A 118 6.31 -12.23 10.18
CA TYR A 118 6.55 -12.32 8.75
C TYR A 118 6.41 -10.98 8.05
N ARG A 119 7.46 -10.62 7.32
CA ARG A 119 7.51 -9.37 6.56
C ARG A 119 6.22 -9.08 5.81
N GLU A 120 5.65 -10.08 5.14
CA GLU A 120 4.50 -9.83 4.28
C GLU A 120 3.25 -9.43 5.08
N SER A 121 3.18 -9.82 6.35
CA SER A 121 2.02 -9.45 7.17
C SER A 121 1.91 -7.95 7.24
N ASN A 122 3.07 -7.29 7.10
CA ASN A 122 3.16 -5.85 7.24
C ASN A 122 2.75 -5.12 5.97
N THR A 123 2.82 -5.80 4.83
CA THR A 123 2.42 -5.16 3.58
C THR A 123 1.13 -5.66 2.93
N ALA A 124 0.72 -6.90 3.20
CA ALA A 124 -0.52 -7.36 2.61
C ALA A 124 -1.61 -6.39 3.04
N GLY A 125 -2.43 -5.95 2.10
CA GLY A 125 -3.55 -5.07 2.39
C GLY A 125 -3.21 -3.59 2.52
N ASN A 126 -1.95 -3.23 2.34
CA ASN A 126 -1.49 -1.87 2.60
C ASN A 126 -2.07 -0.78 1.69
N ASP A 127 -2.64 -1.17 0.56
CA ASP A 127 -3.25 -0.20 -0.36
C ASP A 127 -4.78 -0.26 -0.34
N VAL A 128 -5.33 -1.17 0.45
CA VAL A 128 -6.77 -1.33 0.41
C VAL A 128 -7.45 -0.06 0.83
N PHE A 129 -7.02 0.50 1.95
CA PHE A 129 -7.72 1.65 2.49
C PHE A 129 -7.59 2.86 1.58
N HIS A 130 -6.43 3.07 0.99
CA HIS A 130 -6.34 4.23 0.14
C HIS A 130 -7.06 4.03 -1.20
N LYS A 131 -7.20 2.80 -1.65
CA LYS A 131 -7.98 2.60 -2.85
C LYS A 131 -9.49 2.70 -2.58
N PHE A 132 -9.90 2.35 -1.36
CA PHE A 132 -11.29 2.57 -0.92
C PHE A 132 -11.61 4.06 -0.93
N SER A 133 -10.72 4.87 -0.34
CA SER A 133 -11.00 6.30 -0.21
C SER A 133 -11.09 6.92 -1.58
N ALA A 134 -10.21 6.53 -2.49
CA ALA A 134 -10.25 7.08 -3.83
C ALA A 134 -11.61 6.74 -4.44
N PHE A 135 -12.02 5.49 -4.27
CA PHE A 135 -13.29 5.03 -4.83
C PHE A 135 -14.47 5.77 -4.20
N ILE A 136 -14.52 5.79 -2.88
CA ILE A 136 -15.72 6.22 -2.19
C ILE A 136 -15.94 7.73 -2.32
N LYS A 137 -14.85 8.48 -2.54
CA LYS A 137 -14.91 9.94 -2.64
C LYS A 137 -15.11 10.43 -4.08
N ASN A 138 -14.89 9.53 -5.03
CA ASN A 138 -14.87 9.89 -6.44
C ASN A 138 -16.14 10.61 -6.94
N PRO A 139 -15.96 11.82 -7.50
CA PRO A 139 -17.03 12.63 -8.09
C PRO A 139 -17.30 12.28 -9.56
N VAL A 140 -16.39 11.55 -10.19
CA VAL A 140 -16.46 11.30 -11.63
C VAL A 140 -17.18 10.00 -11.98
N PRO A 141 -18.41 10.12 -12.48
CA PRO A 141 -19.19 8.96 -12.93
C PRO A 141 -18.38 7.98 -13.79
N ALA A 142 -17.62 8.50 -14.76
CA ALA A 142 -16.91 7.65 -15.72
C ALA A 142 -15.75 6.84 -15.15
N GLN A 143 -15.33 7.18 -13.93
CA GLN A 143 -14.22 6.49 -13.30
C GLN A 143 -14.66 5.58 -12.16
N ASP A 144 -15.95 5.61 -11.81
CA ASP A 144 -16.45 4.83 -10.69
C ASP A 144 -16.12 3.35 -10.83
N GLU A 145 -16.54 2.71 -11.93
CA GLU A 145 -16.27 1.28 -12.10
C GLU A 145 -14.77 0.99 -12.02
N ALA A 146 -13.98 1.84 -12.68
CA ALA A 146 -12.53 1.68 -12.70
C ALA A 146 -11.92 1.69 -11.29
N LEU A 147 -12.25 2.71 -10.53
CA LEU A 147 -11.77 2.84 -9.15
C LEU A 147 -12.27 1.67 -8.32
N TYR A 148 -13.46 1.17 -8.63
CA TYR A 148 -13.97 0.04 -7.88
C TYR A 148 -13.13 -1.21 -8.14
N GLN A 149 -12.76 -1.46 -9.39
CA GLN A 149 -11.94 -2.62 -9.72
C GLN A 149 -10.57 -2.54 -9.07
N GLN A 150 -10.04 -1.32 -8.93
CA GLN A 150 -8.76 -1.14 -8.25
C GLN A 150 -8.87 -1.52 -6.78
N LEU A 151 -9.97 -1.10 -6.15
CA LEU A 151 -10.24 -1.53 -4.78
C LEU A 151 -10.37 -3.07 -4.71
N LEU A 152 -11.14 -3.65 -5.61
CA LEU A 152 -11.32 -5.10 -5.58
C LEU A 152 -10.01 -5.85 -5.79
N ARG A 153 -9.15 -5.32 -6.66
CA ARG A 153 -7.88 -5.97 -6.94
C ARG A 153 -6.96 -5.98 -5.71
N ALA A 154 -6.95 -4.89 -4.95
CA ALA A 154 -6.17 -4.85 -3.73
C ALA A 154 -6.77 -5.81 -2.71
N LEU A 155 -8.09 -5.92 -2.69
CA LEU A 155 -8.75 -6.85 -1.75
C LEU A 155 -8.40 -8.28 -2.11
N ALA A 156 -8.33 -8.58 -3.41
CA ALA A 156 -7.98 -9.91 -3.89
C ALA A 156 -6.56 -10.28 -3.49
N ARG A 157 -5.63 -9.31 -3.56
CA ARG A 157 -4.26 -9.51 -3.11
CA ARG A 157 -4.27 -9.57 -3.12
C ARG A 157 -4.22 -9.83 -1.61
N LEU A 158 -4.96 -9.03 -0.83
CA LEU A 158 -5.02 -9.32 0.61
C LEU A 158 -5.56 -10.74 0.81
N ASP A 159 -6.62 -11.04 0.10
CA ASP A 159 -7.27 -12.34 0.20
C ASP A 159 -6.28 -13.46 -0.11
N SER A 160 -5.45 -13.27 -1.16
CA SER A 160 -4.44 -14.27 -1.51
C SER A 160 -3.50 -14.55 -0.35
N TYR A 161 -2.99 -13.49 0.26
CA TYR A 161 -2.06 -13.66 1.36
C TYR A 161 -2.73 -14.40 2.53
N LEU A 162 -3.99 -14.05 2.78
CA LEU A 162 -4.72 -14.65 3.89
C LEU A 162 -4.97 -16.14 3.68
N ARG A 163 -5.03 -16.58 2.41
CA ARG A 163 -5.31 -17.99 2.10
C ARG A 163 -4.03 -18.81 1.91
N ALA A 164 -2.87 -18.16 1.94
CA ALA A 164 -1.61 -18.85 1.66
C ALA A 164 -0.98 -19.29 2.95
N PRO A 165 -0.66 -20.59 3.06
CA PRO A 165 -0.05 -21.13 4.27
C PRO A 165 1.21 -20.34 4.65
N LEU A 166 1.34 -19.97 5.93
CA LEU A 166 2.56 -19.31 6.39
C LEU A 166 3.63 -20.35 6.71
N GLU A 167 4.86 -19.89 6.81
CA GLU A 167 5.99 -20.76 7.16
C GLU A 167 5.69 -21.75 8.29
N HIS A 168 5.35 -21.25 9.48
CA HIS A 168 5.08 -22.15 10.62
C HIS A 168 3.96 -23.13 10.34
N GLU A 169 3.11 -22.81 9.37
CA GLU A 169 2.01 -23.70 8.98
C GLU A 169 2.54 -24.84 8.12
N LEU A 170 3.51 -24.55 7.25
CA LEU A 170 4.07 -25.59 6.39
C LEU A 170 4.99 -26.52 7.16
N ALA A 171 5.57 -26.01 8.25
CA ALA A 171 6.37 -26.86 9.13
C ALA A 171 5.52 -28.06 9.57
N GLY A 172 4.34 -27.77 10.10
CA GLY A 172 3.43 -28.80 10.55
C GLY A 172 2.83 -29.67 9.45
N GLU A 173 2.25 -29.01 8.44
CA GLU A 173 1.67 -29.70 7.30
C GLU A 173 2.29 -29.21 6.00
N PRO A 174 3.30 -29.95 5.50
CA PRO A 174 3.98 -29.60 4.24
C PRO A 174 3.03 -29.76 3.07
N GLN A 175 1.95 -30.50 3.28
CA GLN A 175 0.94 -30.72 2.25
C GLN A 175 0.01 -29.53 2.06
N LEU A 176 -0.18 -28.74 3.13
CA LEU A 176 -1.22 -27.72 3.18
C LEU A 176 -1.28 -26.85 1.93
N ARG A 177 -2.48 -26.72 1.37
CA ARG A 177 -2.66 -25.85 0.20
C ARG A 177 -3.30 -24.52 0.61
N GLU A 178 -4.13 -24.55 1.63
CA GLU A 178 -4.90 -23.36 2.04
C GLU A 178 -4.67 -23.09 3.52
N SER A 179 -4.32 -21.86 3.86
CA SER A 179 -4.00 -21.49 5.24
C SER A 179 -5.20 -21.70 6.17
N ARG A 180 -4.91 -22.11 7.39
CA ARG A 180 -5.94 -22.35 8.40
C ARG A 180 -6.03 -21.16 9.35
N ARG A 181 -5.05 -20.27 9.31
CA ARG A 181 -4.89 -19.29 10.37
C ARG A 181 -6.01 -18.25 10.41
N ARG A 182 -6.12 -17.52 11.51
CA ARG A 182 -7.20 -16.56 11.69
C ARG A 182 -6.85 -15.16 11.18
N PHE A 183 -5.62 -14.72 11.45
CA PHE A 183 -5.25 -13.36 11.18
C PHE A 183 -4.06 -13.26 10.21
N LEU A 184 -3.51 -12.07 10.06
CA LEU A 184 -2.48 -11.83 9.04
C LEU A 184 -1.28 -12.76 9.20
N ASP A 185 -0.79 -12.84 10.44
CA ASP A 185 0.51 -13.45 10.75
C ASP A 185 0.36 -14.78 11.49
N GLY A 186 -0.86 -15.19 11.76
CA GLY A 186 -1.09 -16.37 12.60
C GLY A 186 -2.41 -16.29 13.35
N ASP A 187 -2.56 -17.06 14.43
CA ASP A 187 -3.84 -17.08 15.15
C ASP A 187 -3.95 -16.03 16.26
N ARG A 188 -2.94 -15.19 16.39
CA ARG A 188 -3.01 -14.07 17.33
C ARG A 188 -2.89 -12.72 16.63
N LEU A 189 -3.64 -11.74 17.13
CA LEU A 189 -3.55 -10.39 16.60
C LEU A 189 -2.13 -9.84 16.79
N THR A 190 -1.60 -9.18 15.74
CA THR A 190 -0.33 -8.50 15.83
C THR A 190 -0.50 -7.01 15.53
N LEU A 191 0.60 -6.27 15.56
CA LEU A 191 0.57 -4.87 15.18
C LEU A 191 -0.01 -4.68 13.79
N ALA A 192 0.26 -5.62 12.90
CA ALA A 192 -0.23 -5.48 11.52
C ALA A 192 -1.75 -5.50 11.49
N ASP A 193 -2.35 -6.36 12.31
CA ASP A 193 -3.81 -6.45 12.37
C ASP A 193 -4.44 -5.21 12.98
N CYS A 194 -3.77 -4.62 13.97
CA CYS A 194 -4.25 -3.41 14.63
C CYS A 194 -4.34 -2.29 13.62
N SER A 195 -3.35 -2.19 12.75
CA SER A 195 -3.42 -1.19 11.69
C SER A 195 -4.53 -1.47 10.69
N LEU A 196 -4.55 -2.70 10.17
CA LEU A 196 -5.42 -3.05 9.06
C LEU A 196 -6.90 -3.24 9.43
N LEU A 197 -7.19 -3.95 10.52
CA LEU A 197 -8.59 -4.24 10.84
C LEU A 197 -9.53 -3.01 10.95
N PRO A 198 -9.11 -1.95 11.64
CA PRO A 198 -9.99 -0.78 11.69
C PRO A 198 -10.27 -0.22 10.30
N LYS A 199 -9.24 -0.19 9.45
CA LYS A 199 -9.41 0.28 8.08
C LYS A 199 -10.32 -0.63 7.26
N LEU A 200 -10.06 -1.94 7.32
CA LEU A 200 -10.86 -2.90 6.56
C LEU A 200 -12.35 -2.89 7.01
N HIS A 201 -12.56 -2.75 8.31
CA HIS A 201 -13.90 -2.66 8.89
C HIS A 201 -14.66 -1.47 8.29
N ILE A 202 -14.00 -0.32 8.20
CA ILE A 202 -14.56 0.85 7.55
C ILE A 202 -14.93 0.59 6.09
N VAL A 203 -14.01 -0.03 5.34
CA VAL A 203 -14.25 -0.35 3.94
C VAL A 203 -15.53 -1.15 3.78
N ASP A 204 -15.63 -2.27 4.49
CA ASP A 204 -16.82 -3.12 4.42
C ASP A 204 -18.06 -2.33 4.89
N THR A 205 -17.97 -1.67 6.04
CA THR A 205 -19.13 -0.94 6.57
C THR A 205 -19.68 0.12 5.59
N VAL A 206 -18.80 0.98 5.10
CA VAL A 206 -19.20 2.09 4.21
C VAL A 206 -19.67 1.58 2.84
N CYS A 207 -18.91 0.66 2.27
CA CYS A 207 -19.22 0.16 0.92
C CYS A 207 -20.55 -0.58 0.89
N ALA A 208 -20.79 -1.37 1.95
CA ALA A 208 -22.04 -2.09 2.09
C ALA A 208 -23.24 -1.15 2.27
N HIS A 209 -23.14 -0.19 3.17
CA HIS A 209 -24.28 0.68 3.40
C HIS A 209 -24.51 1.67 2.25
N PHE A 210 -23.45 2.33 1.78
CA PHE A 210 -23.59 3.42 0.80
C PHE A 210 -23.67 2.99 -0.67
N ARG A 211 -23.07 1.85 -1.00
CA ARG A 211 -23.05 1.41 -2.38
C ARG A 211 -23.60 -0.01 -2.54
N GLN A 212 -24.22 -0.55 -1.50
CA GLN A 212 -24.69 -1.93 -1.56
C GLN A 212 -23.62 -2.86 -2.07
N ALA A 213 -22.39 -2.65 -1.60
CA ALA A 213 -21.26 -3.43 -2.07
C ALA A 213 -20.47 -3.98 -0.91
N PRO A 214 -20.97 -5.03 -0.24
CA PRO A 214 -20.10 -5.61 0.77
C PRO A 214 -18.87 -6.23 0.11
N ILE A 215 -17.81 -6.47 0.87
CA ILE A 215 -16.67 -7.21 0.35
C ILE A 215 -17.20 -8.52 -0.26
N PRO A 216 -16.80 -8.82 -1.51
CA PRO A 216 -17.43 -9.94 -2.23
C PRO A 216 -17.21 -11.29 -1.53
N ALA A 217 -18.24 -12.13 -1.51
CA ALA A 217 -18.18 -13.43 -0.85
C ALA A 217 -17.05 -14.28 -1.38
N GLU A 218 -16.73 -14.10 -2.67
CA GLU A 218 -15.66 -14.84 -3.31
C GLU A 218 -14.33 -14.66 -2.57
N LEU A 219 -14.15 -13.52 -1.91
CA LEU A 219 -12.93 -13.27 -1.16
C LEU A 219 -13.04 -13.93 0.22
N ARG A 220 -12.99 -15.27 0.22
CA ARG A 220 -13.23 -16.05 1.43
C ARG A 220 -12.23 -15.71 2.55
N GLY A 221 -10.99 -15.45 2.17
CA GLY A 221 -9.94 -15.15 3.14
C GLY A 221 -10.19 -13.84 3.86
N VAL A 222 -10.58 -12.81 3.10
CA VAL A 222 -10.88 -11.51 3.68
C VAL A 222 -12.13 -11.58 4.58
N ARG A 223 -13.18 -12.23 4.10
CA ARG A 223 -14.42 -12.34 4.88
C ARG A 223 -14.20 -13.06 6.22
N ARG A 224 -13.49 -14.18 6.18
CA ARG A 224 -13.24 -14.93 7.41
C ARG A 224 -12.41 -14.12 8.39
N TYR A 225 -11.39 -13.45 7.86
CA TYR A 225 -10.57 -12.52 8.61
C TYR A 225 -11.40 -11.47 9.36
N LEU A 226 -12.37 -10.88 8.66
CA LEU A 226 -13.27 -9.93 9.30
C LEU A 226 -14.17 -10.63 10.35
N ASP A 227 -14.71 -11.79 10.00
CA ASP A 227 -15.49 -12.59 10.96
C ASP A 227 -14.68 -12.95 12.20
N SER A 228 -13.45 -13.41 11.99
CA SER A 228 -12.59 -13.79 13.12
C SER A 228 -12.31 -12.59 14.03
N ALA A 229 -12.05 -11.42 13.44
CA ALA A 229 -11.72 -10.24 14.22
C ALA A 229 -12.87 -9.84 15.14
N MET A 230 -14.08 -10.01 14.65
CA MET A 230 -15.28 -9.64 15.41
C MET A 230 -15.46 -10.52 16.64
N GLN A 231 -14.98 -11.76 16.57
CA GLN A 231 -15.06 -12.68 17.71
C GLN A 231 -13.93 -12.44 18.69
N GLU A 232 -13.10 -11.44 18.41
CA GLU A 232 -11.91 -11.18 19.22
C GLU A 232 -12.19 -9.92 20.04
N LYS A 233 -12.20 -10.07 21.37
CA LYS A 233 -12.64 -8.97 22.23
C LYS A 233 -11.88 -7.63 22.01
N GLU A 234 -10.59 -7.68 21.72
CA GLU A 234 -9.82 -6.45 21.51
C GLU A 234 -10.30 -5.67 20.29
N PHE A 235 -10.79 -6.37 19.28
CA PHE A 235 -11.31 -5.66 18.13
C PHE A 235 -12.76 -5.25 18.36
N LYS A 236 -13.57 -6.22 18.76
CA LYS A 236 -14.97 -5.98 19.00
C LYS A 236 -15.19 -4.71 19.81
N TYR A 237 -14.54 -4.62 20.95
CA TYR A 237 -14.89 -3.55 21.86
C TYR A 237 -14.17 -2.21 21.60
N THR A 238 -13.29 -2.19 20.59
CA THR A 238 -12.66 -0.94 20.17
C THR A 238 -13.32 -0.31 18.93
N CYS A 239 -14.20 -1.05 18.26
CA CYS A 239 -14.97 -0.52 17.13
C CYS A 239 -15.89 0.64 17.51
N PRO A 240 -15.90 1.72 16.72
CA PRO A 240 -16.94 2.73 16.92
C PRO A 240 -18.29 2.12 16.53
N HIS A 241 -19.39 2.64 17.07
CA HIS A 241 -20.70 2.25 16.58
C HIS A 241 -20.69 2.49 15.09
N SER A 242 -21.42 1.64 14.36
CA SER A 242 -21.46 1.75 12.92
C SER A 242 -22.01 3.12 12.50
N ALA A 243 -22.91 3.68 13.29
CA ALA A 243 -23.52 4.97 12.94
C ALA A 243 -22.46 6.06 12.83
N GLU A 244 -21.45 6.00 13.71
CA GLU A 244 -20.34 6.95 13.69
C GLU A 244 -19.49 6.84 12.43
N ILE A 245 -19.19 5.61 12.02
CA ILE A 245 -18.48 5.38 10.75
C ILE A 245 -19.30 5.95 9.59
N LEU A 246 -20.58 5.62 9.54
CA LEU A 246 -21.46 6.06 8.46
C LEU A 246 -21.54 7.57 8.39
N ALA A 247 -21.65 8.23 9.55
CA ALA A 247 -21.80 9.68 9.61
C ALA A 247 -20.57 10.32 8.98
N ALA A 248 -19.40 9.75 9.24
CA ALA A 248 -18.17 10.28 8.67
C ALA A 248 -18.11 10.28 7.14
N TYR A 249 -18.84 9.37 6.51
CA TYR A 249 -18.83 9.29 5.05
C TYR A 249 -20.09 9.93 4.40
N ARG A 250 -20.82 10.64 5.26
CA ARG A 250 -21.98 11.46 4.93
C ARG A 250 -23.27 10.99 5.61
N LEU B 12 4.02 14.06 -33.00
CA LEU B 12 3.48 13.52 -31.75
C LEU B 12 3.52 11.99 -31.74
N GLU B 13 3.33 11.38 -32.91
CA GLU B 13 3.24 9.94 -33.04
C GLU B 13 4.58 9.26 -33.32
N VAL B 14 4.84 8.18 -32.59
CA VAL B 14 6.05 7.39 -32.78
C VAL B 14 5.69 5.91 -32.81
N LEU B 15 6.08 5.24 -33.89
CA LEU B 15 5.77 3.83 -34.06
C LEU B 15 6.94 2.95 -33.64
N PHE B 16 6.66 2.01 -32.75
CA PHE B 16 7.66 1.06 -32.27
C PHE B 16 7.43 -0.31 -32.88
N GLN B 17 8.42 -0.79 -33.63
CA GLN B 17 8.34 -2.11 -34.25
C GLN B 17 9.21 -3.10 -33.46
N GLY B 18 8.88 -4.38 -33.56
CA GLY B 18 9.61 -5.41 -32.86
C GLY B 18 10.87 -5.86 -33.59
N LYS B 25 -3.73 -3.73 -34.24
CA LYS B 25 -2.94 -2.51 -34.07
C LYS B 25 -3.23 -1.83 -32.74
N LEU B 26 -2.18 -1.30 -32.12
CA LEU B 26 -2.27 -0.73 -30.78
C LEU B 26 -1.82 0.73 -30.76
N GLN B 27 -2.50 1.55 -29.96
CA GLN B 27 -2.13 2.95 -29.83
C GLN B 27 -2.33 3.48 -28.41
N LEU B 28 -1.24 3.92 -27.79
CA LEU B 28 -1.26 4.41 -26.42
C LEU B 28 -1.06 5.90 -26.43
N PHE B 29 -2.01 6.61 -25.84
CA PHE B 29 -1.95 8.06 -25.73
C PHE B 29 -1.41 8.45 -24.37
N VAL B 30 -0.32 9.22 -24.38
CA VAL B 30 0.33 9.63 -23.15
C VAL B 30 0.56 11.14 -23.09
N LYS B 31 0.80 11.64 -21.89
CA LYS B 31 1.04 13.06 -21.69
C LYS B 31 2.37 13.48 -22.31
N ALA B 32 2.39 14.65 -22.96
CA ALA B 32 3.61 15.11 -23.60
C ALA B 32 4.45 15.95 -22.64
N SER B 33 5.73 16.09 -22.96
CA SER B 33 6.58 17.02 -22.23
C SER B 33 6.11 18.45 -22.49
N GLU B 34 6.59 19.39 -21.67
CA GLU B 34 6.16 20.78 -21.77
C GLU B 34 6.40 21.34 -23.17
N ASP B 35 7.54 21.01 -23.76
CA ASP B 35 7.87 21.49 -25.10
C ASP B 35 7.23 20.65 -26.19
N GLY B 36 6.50 19.62 -25.79
CA GLY B 36 5.75 18.78 -26.72
C GLY B 36 6.55 17.67 -27.39
N GLU B 37 7.84 17.59 -27.09
CA GLU B 37 8.73 16.66 -27.80
C GLU B 37 8.75 15.26 -27.17
N SER B 38 9.14 15.19 -25.90
CA SER B 38 9.30 13.91 -25.24
C SER B 38 8.04 13.51 -24.46
N VAL B 39 8.14 12.41 -23.73
CA VAL B 39 7.02 11.93 -22.93
C VAL B 39 6.89 12.82 -21.68
N GLY B 40 5.66 13.14 -21.31
CA GLY B 40 5.43 13.97 -20.14
C GLY B 40 5.38 13.20 -18.84
N HIS B 41 5.26 13.93 -17.73
CA HIS B 41 5.14 13.31 -16.44
C HIS B 41 3.81 12.58 -16.30
N CYS B 42 3.89 11.29 -15.99
CA CYS B 42 2.74 10.47 -15.68
C CYS B 42 3.18 9.05 -15.40
N PRO B 43 3.14 8.65 -14.12
CA PRO B 43 3.59 7.30 -13.72
C PRO B 43 2.81 6.19 -14.42
N SER B 44 1.51 6.37 -14.66
CA SER B 44 0.73 5.32 -15.30
C SER B 44 1.03 5.24 -16.80
N CYS B 45 1.33 6.38 -17.41
CA CYS B 45 1.76 6.38 -18.80
C CYS B 45 3.06 5.59 -18.95
N GLN B 46 4.05 5.90 -18.11
CA GLN B 46 5.31 5.18 -18.17
C GLN B 46 5.08 3.69 -17.94
N ARG B 47 4.21 3.36 -16.98
CA ARG B 47 3.93 1.96 -16.68
C ARG B 47 3.46 1.17 -17.89
N LEU B 48 2.51 1.70 -18.64
CA LEU B 48 2.00 0.96 -19.79
C LEU B 48 2.99 1.06 -20.96
N PHE B 49 3.61 2.22 -21.12
CA PHE B 49 4.72 2.35 -22.08
C PHE B 49 5.71 1.19 -21.86
N MET B 50 6.13 1.01 -20.61
CA MET B 50 7.08 -0.07 -20.28
C MET B 50 6.57 -1.46 -20.64
N VAL B 51 5.30 -1.73 -20.30
CA VAL B 51 4.72 -3.05 -20.54
C VAL B 51 4.71 -3.39 -22.01
N LEU B 52 4.35 -2.40 -22.83
CA LEU B 52 4.31 -2.58 -24.28
C LEU B 52 5.68 -2.80 -24.89
N LEU B 53 6.70 -2.08 -24.40
CA LEU B 53 8.07 -2.30 -24.88
C LEU B 53 8.54 -3.66 -24.45
N LEU B 54 8.19 -4.03 -23.23
CA LEU B 54 8.56 -5.34 -22.69
C LEU B 54 7.87 -6.50 -23.43
N LYS B 55 6.69 -6.25 -23.98
CA LYS B 55 5.98 -7.32 -24.69
C LYS B 55 6.63 -7.57 -26.05
N GLY B 56 7.31 -6.55 -26.57
CA GLY B 56 7.85 -6.59 -27.91
C GLY B 56 6.76 -6.51 -28.96
N VAL B 57 5.57 -6.06 -28.56
CA VAL B 57 4.47 -5.89 -29.51
C VAL B 57 4.65 -4.56 -30.23
N PRO B 58 4.31 -4.51 -31.52
CA PRO B 58 4.38 -3.21 -32.19
C PRO B 58 3.27 -2.27 -31.70
N PHE B 59 3.60 -1.02 -31.44
CA PHE B 59 2.57 -0.05 -31.06
C PHE B 59 2.91 1.38 -31.46
N THR B 60 1.88 2.19 -31.58
CA THR B 60 2.06 3.62 -31.73
C THR B 60 1.95 4.32 -30.37
N LEU B 61 2.93 5.16 -30.07
CA LEU B 61 2.85 6.01 -28.90
C LEU B 61 2.55 7.40 -29.40
N THR B 62 1.50 8.01 -28.84
CA THR B 62 1.08 9.33 -29.25
C THR B 62 1.09 10.30 -28.06
N THR B 63 2.10 11.17 -28.03
CA THR B 63 2.20 12.17 -26.98
C THR B 63 1.16 13.27 -27.17
N VAL B 64 0.54 13.70 -26.09
CA VAL B 64 -0.53 14.68 -26.17
C VAL B 64 -0.18 15.98 -25.44
N ASP B 65 -0.34 17.10 -26.15
CA ASP B 65 -0.12 18.43 -25.57
C ASP B 65 -1.30 19.35 -25.87
N GLY B 79 -15.43 11.67 -19.20
CA GLY B 79 -14.65 11.98 -18.02
C GLY B 79 -13.47 11.06 -17.84
N SER B 80 -12.89 10.63 -18.96
CA SER B 80 -11.76 9.70 -18.96
C SER B 80 -10.46 10.30 -18.45
N GLN B 81 -9.35 9.65 -18.73
CA GLN B 81 -8.04 10.10 -18.26
C GLN B 81 -6.90 9.29 -18.88
N LEU B 82 -5.80 9.94 -19.21
CA LEU B 82 -4.63 9.25 -19.77
C LEU B 82 -3.93 8.45 -18.67
N PRO B 83 -3.18 7.40 -19.04
CA PRO B 83 -3.00 6.98 -20.45
C PRO B 83 -4.25 6.30 -20.96
N ILE B 84 -4.46 6.40 -22.27
CA ILE B 84 -5.53 5.71 -22.94
C ILE B 84 -4.96 4.79 -24.02
N LEU B 85 -5.50 3.58 -24.12
CA LEU B 85 -5.12 2.67 -25.19
C LEU B 85 -6.24 2.54 -26.20
N LEU B 86 -5.89 2.57 -27.48
CA LEU B 86 -6.80 2.26 -28.57
C LEU B 86 -6.36 0.92 -29.19
N TYR B 87 -7.28 -0.03 -29.24
CA TYR B 87 -7.03 -1.33 -29.83
C TYR B 87 -7.92 -1.51 -31.05
N ASP B 88 -7.33 -1.35 -32.24
CA ASP B 88 -8.10 -1.29 -33.48
C ASP B 88 -9.04 -0.09 -33.44
N SER B 89 -10.30 -0.36 -33.09
CA SER B 89 -11.27 0.69 -32.89
C SER B 89 -11.68 0.71 -31.42
N ASP B 90 -11.48 -0.44 -30.76
CA ASP B 90 -11.92 -0.67 -29.39
C ASP B 90 -11.00 0.03 -28.38
N ALA B 91 -11.53 1.00 -27.66
CA ALA B 91 -10.72 1.77 -26.70
C ALA B 91 -10.74 1.20 -25.28
N LYS B 92 -9.68 1.48 -24.53
CA LYS B 92 -9.52 1.05 -23.15
C LYS B 92 -9.00 2.21 -22.30
N THR B 93 -9.82 2.71 -21.38
CA THR B 93 -9.48 3.90 -20.59
C THR B 93 -8.73 3.66 -19.28
N ASP B 94 -8.91 2.49 -18.66
CA ASP B 94 -8.40 2.26 -17.31
C ASP B 94 -7.03 1.57 -17.28
N THR B 95 -6.11 2.13 -16.52
CA THR B 95 -4.73 1.67 -16.52
C THR B 95 -4.65 0.19 -16.16
N LEU B 96 -5.34 -0.19 -15.08
CA LEU B 96 -5.40 -1.59 -14.68
C LEU B 96 -6.04 -2.46 -15.76
N GLN B 97 -7.12 -1.98 -16.38
CA GLN B 97 -7.79 -2.73 -17.45
C GLN B 97 -6.85 -2.94 -18.63
N ILE B 98 -6.13 -1.87 -19.00
CA ILE B 98 -5.18 -1.95 -20.10
C ILE B 98 -4.11 -3.01 -19.82
N GLU B 99 -3.46 -2.92 -18.66
CA GLU B 99 -2.45 -3.92 -18.27
C GLU B 99 -2.96 -5.36 -18.33
N ASP B 100 -4.11 -5.63 -17.72
CA ASP B 100 -4.69 -6.98 -17.74
C ASP B 100 -4.97 -7.42 -19.18
N PHE B 101 -5.50 -6.50 -19.98
CA PHE B 101 -5.74 -6.79 -21.40
C PHE B 101 -4.44 -7.17 -22.12
N LEU B 102 -3.38 -6.37 -21.92
CA LEU B 102 -2.10 -6.63 -22.59
C LEU B 102 -1.49 -7.96 -22.13
N GLU B 103 -1.62 -8.25 -20.84
CA GLU B 103 -1.00 -9.47 -20.30
C GLU B 103 -1.73 -10.73 -20.76
N GLU B 104 -3.04 -10.61 -21.00
CA GLU B 104 -3.87 -11.75 -21.38
C GLU B 104 -3.88 -11.96 -22.90
N THR B 105 -3.67 -10.87 -23.63
CA THR B 105 -3.75 -10.88 -25.09
C THR B 105 -2.39 -11.11 -25.76
N LEU B 106 -1.32 -10.72 -25.08
CA LEU B 106 0.02 -10.87 -25.60
C LEU B 106 0.78 -11.90 -24.78
N GLY B 107 0.71 -13.16 -25.19
CA GLY B 107 1.32 -14.24 -24.45
C GLY B 107 2.14 -15.19 -25.30
N PRO B 108 2.87 -16.09 -24.64
CA PRO B 108 3.78 -17.05 -25.28
C PRO B 108 3.13 -17.76 -26.46
N PRO B 109 3.96 -18.23 -27.40
CA PRO B 109 5.41 -18.02 -27.34
C PRO B 109 5.83 -16.74 -28.04
N ASP B 110 4.89 -16.07 -28.71
CA ASP B 110 5.20 -14.86 -29.48
C ASP B 110 5.46 -13.63 -28.60
N PHE B 111 4.97 -13.65 -27.37
CA PHE B 111 5.18 -12.54 -26.43
C PHE B 111 5.43 -13.08 -25.02
N PRO B 112 6.37 -12.45 -24.28
CA PRO B 112 6.67 -13.03 -22.97
C PRO B 112 5.59 -12.65 -21.95
N SER B 113 5.29 -13.55 -21.02
CA SER B 113 4.42 -13.22 -19.90
C SER B 113 5.18 -12.37 -18.88
N LEU B 114 4.58 -11.28 -18.46
CA LEU B 114 5.20 -10.33 -17.54
C LEU B 114 4.70 -10.45 -16.08
N ALA B 115 3.76 -11.35 -15.84
CA ALA B 115 3.26 -11.54 -14.49
C ALA B 115 4.37 -12.01 -13.56
N PRO B 116 4.43 -11.47 -12.33
CA PRO B 116 5.49 -11.93 -11.44
C PRO B 116 5.19 -13.36 -11.02
N ARG B 117 6.22 -14.11 -10.64
CA ARG B 117 6.05 -15.45 -10.10
C ARG B 117 5.64 -15.44 -8.63
N TYR B 118 6.11 -14.45 -7.88
CA TYR B 118 5.94 -14.44 -6.42
C TYR B 118 4.90 -13.43 -5.95
N ARG B 119 3.93 -13.89 -5.15
CA ARG B 119 2.85 -13.04 -4.70
C ARG B 119 3.34 -11.72 -4.08
N GLU B 120 4.33 -11.83 -3.21
CA GLU B 120 4.82 -10.66 -2.49
C GLU B 120 5.31 -9.57 -3.43
N SER B 121 5.75 -9.96 -4.63
CA SER B 121 6.27 -8.96 -5.58
C SER B 121 5.16 -7.98 -5.96
N ASN B 122 3.93 -8.49 -5.98
CA ASN B 122 2.75 -7.70 -6.29
C ASN B 122 2.30 -6.74 -5.20
N THR B 123 2.83 -6.85 -3.99
CA THR B 123 2.41 -5.92 -2.93
C THR B 123 3.54 -5.15 -2.28
N ALA B 124 4.77 -5.62 -2.42
CA ALA B 124 5.87 -4.91 -1.79
C ALA B 124 5.90 -3.48 -2.34
N GLY B 125 6.05 -2.52 -1.44
CA GLY B 125 6.10 -1.12 -1.80
C GLY B 125 4.77 -0.53 -2.21
N ASN B 126 3.66 -1.20 -1.87
CA ASN B 126 2.33 -0.81 -2.37
C ASN B 126 1.77 0.53 -1.83
N ASP B 127 2.31 0.99 -0.71
CA ASP B 127 1.85 2.21 -0.09
C ASP B 127 2.88 3.34 -0.21
N VAL B 128 4.01 3.09 -0.88
CA VAL B 128 5.08 4.09 -0.93
C VAL B 128 4.59 5.36 -1.63
N PHE B 129 3.96 5.20 -2.78
CA PHE B 129 3.53 6.36 -3.55
C PHE B 129 2.46 7.16 -2.82
N HIS B 130 1.51 6.47 -2.18
CA HIS B 130 0.49 7.15 -1.39
C HIS B 130 1.06 7.91 -0.18
N LYS B 131 2.01 7.31 0.52
CA LYS B 131 2.58 7.98 1.68
C LYS B 131 3.44 9.17 1.21
N PHE B 132 4.07 9.03 0.04
CA PHE B 132 4.85 10.13 -0.53
C PHE B 132 3.95 11.31 -0.86
N SER B 133 2.80 11.03 -1.49
CA SER B 133 1.86 12.07 -1.85
C SER B 133 1.32 12.78 -0.62
N ALA B 134 0.94 12.02 0.40
CA ALA B 134 0.50 12.62 1.66
C ALA B 134 1.58 13.51 2.26
N PHE B 135 2.84 13.07 2.19
CA PHE B 135 3.96 13.87 2.67
C PHE B 135 4.20 15.14 1.85
N ILE B 136 4.29 15.01 0.53
CA ILE B 136 4.71 16.14 -0.29
C ILE B 136 3.60 17.19 -0.42
N LYS B 137 2.35 16.79 -0.17
CA LYS B 137 1.22 17.71 -0.29
C LYS B 137 0.77 18.28 1.04
N ASN B 138 1.44 17.89 2.11
CA ASN B 138 1.09 18.34 3.47
C ASN B 138 1.20 19.84 3.64
N PRO B 139 0.10 20.49 4.07
CA PRO B 139 0.00 21.94 4.30
C PRO B 139 0.77 22.46 5.52
N VAL B 140 0.81 21.69 6.62
CA VAL B 140 1.36 22.18 7.88
C VAL B 140 2.78 21.69 8.17
N PRO B 141 3.79 22.57 7.98
CA PRO B 141 5.21 22.22 8.11
C PRO B 141 5.56 21.48 9.41
N ALA B 142 4.73 21.64 10.44
CA ALA B 142 4.97 20.94 11.69
C ALA B 142 4.83 19.43 11.51
N GLN B 143 4.10 19.01 10.49
CA GLN B 143 3.84 17.59 10.24
C GLN B 143 4.85 16.93 9.32
N ASP B 144 5.66 17.73 8.63
CA ASP B 144 6.67 17.19 7.73
C ASP B 144 7.35 15.94 8.28
N GLU B 145 7.90 16.02 9.50
CA GLU B 145 8.62 14.89 10.08
C GLU B 145 7.76 13.64 10.17
N ALA B 146 6.60 13.77 10.80
CA ALA B 146 5.74 12.61 10.99
C ALA B 146 5.45 11.91 9.67
N LEU B 147 4.88 12.66 8.74
CA LEU B 147 4.49 12.11 7.45
C LEU B 147 5.69 11.57 6.71
N TYR B 148 6.86 12.17 6.92
CA TYR B 148 8.05 11.73 6.24
C TYR B 148 8.49 10.37 6.78
N GLN B 149 8.35 10.18 8.10
CA GLN B 149 8.68 8.89 8.70
C GLN B 149 7.74 7.77 8.27
N GLN B 150 6.48 8.09 8.01
CA GLN B 150 5.58 7.09 7.44
C GLN B 150 6.08 6.64 6.06
N LEU B 151 6.54 7.58 5.27
CA LEU B 151 7.15 7.29 3.96
C LEU B 151 8.42 6.46 4.12
N LEU B 152 9.33 6.90 4.99
CA LEU B 152 10.55 6.15 5.23
C LEU B 152 10.23 4.72 5.64
N ARG B 153 9.22 4.54 6.48
CA ARG B 153 8.83 3.19 6.91
C ARG B 153 8.30 2.33 5.76
N ALA B 154 7.53 2.94 4.86
CA ALA B 154 7.04 2.20 3.71
C ALA B 154 8.25 1.83 2.83
N LEU B 155 9.23 2.73 2.74
CA LEU B 155 10.39 2.49 1.88
C LEU B 155 11.29 1.43 2.52
N ALA B 156 11.33 1.40 3.84
CA ALA B 156 12.09 0.38 4.56
C ALA B 156 11.52 -1.03 4.38
N ARG B 157 10.19 -1.18 4.39
CA ARG B 157 9.56 -2.47 4.10
C ARG B 157 9.80 -2.94 2.66
N LEU B 158 9.72 -2.02 1.70
CA LEU B 158 10.12 -2.36 0.33
C LEU B 158 11.57 -2.84 0.30
N ASP B 159 12.43 -2.08 0.97
CA ASP B 159 13.85 -2.40 1.05
C ASP B 159 14.05 -3.81 1.62
N SER B 160 13.33 -4.14 2.68
CA SER B 160 13.41 -5.50 3.25
C SER B 160 13.11 -6.55 2.20
N TYR B 161 12.03 -6.38 1.45
CA TYR B 161 11.64 -7.35 0.44
C TYR B 161 12.69 -7.48 -0.66
N LEU B 162 13.28 -6.35 -1.04
CA LEU B 162 14.29 -6.35 -2.09
C LEU B 162 15.60 -7.03 -1.64
N ARG B 163 15.87 -7.00 -0.34
CA ARG B 163 17.08 -7.64 0.17
C ARG B 163 16.88 -9.10 0.60
N ALA B 164 15.63 -9.53 0.67
CA ALA B 164 15.34 -10.89 1.11
C ALA B 164 15.48 -11.89 -0.03
N PRO B 165 16.31 -12.93 0.16
CA PRO B 165 16.51 -13.92 -0.90
C PRO B 165 15.19 -14.58 -1.32
N LEU B 166 14.95 -14.72 -2.61
CA LEU B 166 13.74 -15.37 -3.07
C LEU B 166 13.98 -16.88 -3.19
N GLU B 167 12.89 -17.65 -3.17
CA GLU B 167 13.00 -19.10 -3.19
C GLU B 167 14.04 -19.59 -4.22
N HIS B 168 13.87 -19.22 -5.49
CA HIS B 168 14.79 -19.72 -6.51
C HIS B 168 16.26 -19.39 -6.23
N GLU B 169 16.51 -18.29 -5.54
CA GLU B 169 17.88 -17.94 -5.18
C GLU B 169 18.49 -18.94 -4.19
N LEU B 170 17.69 -19.38 -3.25
CA LEU B 170 18.16 -20.29 -2.19
C LEU B 170 18.49 -21.70 -2.69
N ALA B 171 18.03 -22.07 -3.89
CA ALA B 171 18.43 -23.31 -4.51
C ALA B 171 19.93 -23.31 -4.79
N GLY B 172 20.47 -22.15 -5.15
CA GLY B 172 21.88 -22.03 -5.45
C GLY B 172 22.74 -21.78 -4.22
N GLU B 173 22.20 -21.02 -3.28
CA GLU B 173 22.89 -20.75 -2.03
C GLU B 173 21.87 -20.76 -0.89
N PRO B 174 21.71 -21.91 -0.23
CA PRO B 174 20.68 -22.05 0.81
C PRO B 174 20.96 -21.15 2.02
N GLN B 175 22.22 -20.77 2.20
CA GLN B 175 22.62 -19.92 3.32
C GLN B 175 22.59 -18.42 2.98
N LEU B 176 22.34 -18.09 1.73
CA LEU B 176 22.34 -16.69 1.29
C LEU B 176 21.51 -15.84 2.24
N ARG B 177 22.06 -14.72 2.68
CA ARG B 177 21.33 -13.83 3.58
C ARG B 177 20.85 -12.56 2.89
N GLU B 178 21.51 -12.20 1.79
CA GLU B 178 21.17 -10.99 1.06
C GLU B 178 20.86 -11.31 -0.40
N SER B 179 19.67 -10.91 -0.85
CA SER B 179 19.26 -11.17 -2.23
C SER B 179 20.29 -10.58 -3.18
N ARG B 180 20.45 -11.20 -4.34
CA ARG B 180 21.37 -10.73 -5.37
C ARG B 180 20.62 -10.15 -6.57
N ARG B 181 19.31 -10.37 -6.60
CA ARG B 181 18.49 -10.05 -7.77
C ARG B 181 18.40 -8.56 -8.04
N ARG B 182 18.13 -8.22 -9.29
CA ARG B 182 18.04 -6.81 -9.66
C ARG B 182 16.69 -6.15 -9.35
N PHE B 183 15.59 -6.89 -9.53
CA PHE B 183 14.25 -6.31 -9.47
C PHE B 183 13.33 -7.03 -8.45
N LEU B 184 12.05 -6.70 -8.44
CA LEU B 184 11.13 -7.22 -7.41
C LEU B 184 11.04 -8.74 -7.37
N ASP B 185 10.92 -9.35 -8.55
CA ASP B 185 10.54 -10.75 -8.69
C ASP B 185 11.69 -11.61 -9.18
N GLY B 186 12.83 -10.98 -9.45
CA GLY B 186 13.90 -11.67 -10.16
C GLY B 186 14.75 -10.75 -11.01
N ASP B 187 15.37 -11.28 -12.04
CA ASP B 187 16.31 -10.47 -12.81
C ASP B 187 15.70 -9.84 -14.07
N ARG B 188 14.42 -10.11 -14.31
CA ARG B 188 13.73 -9.45 -15.42
C ARG B 188 12.62 -8.55 -14.89
N LEU B 189 12.34 -7.47 -15.60
CA LEU B 189 11.22 -6.61 -15.25
C LEU B 189 9.88 -7.34 -15.35
N THR B 190 9.00 -7.13 -14.37
CA THR B 190 7.66 -7.71 -14.42
C THR B 190 6.63 -6.60 -14.38
N LEU B 191 5.34 -6.94 -14.50
CA LEU B 191 4.29 -5.94 -14.39
C LEU B 191 4.41 -5.20 -13.07
N ALA B 192 4.87 -5.90 -12.04
CA ALA B 192 5.00 -5.26 -10.73
C ALA B 192 6.05 -4.15 -10.78
N ASP B 193 7.16 -4.39 -11.49
CA ASP B 193 8.19 -3.34 -11.61
C ASP B 193 7.67 -2.16 -12.43
N CYS B 194 6.83 -2.47 -13.42
CA CYS B 194 6.31 -1.43 -14.33
C CYS B 194 5.41 -0.47 -13.59
N SER B 195 4.66 -0.99 -12.63
CA SER B 195 3.81 -0.15 -11.81
C SER B 195 4.66 0.64 -10.81
N LEU B 196 5.59 -0.03 -10.13
CA LEU B 196 6.32 0.57 -9.01
C LEU B 196 7.44 1.55 -9.42
N LEU B 197 8.27 1.17 -10.38
CA LEU B 197 9.45 1.96 -10.69
C LEU B 197 9.17 3.43 -11.11
N PRO B 198 8.16 3.66 -11.94
CA PRO B 198 7.86 5.05 -12.30
C PRO B 198 7.50 5.85 -11.05
N LYS B 199 6.75 5.23 -10.14
CA LYS B 199 6.38 5.90 -8.91
C LYS B 199 7.58 6.13 -7.99
N LEU B 200 8.41 5.09 -7.79
CA LEU B 200 9.57 5.19 -6.91
C LEU B 200 10.54 6.25 -7.42
N HIS B 201 10.69 6.32 -8.74
CA HIS B 201 11.57 7.29 -9.35
C HIS B 201 11.07 8.71 -9.09
N ILE B 202 9.77 8.91 -9.24
CA ILE B 202 9.15 10.18 -8.87
C ILE B 202 9.40 10.53 -7.40
N VAL B 203 9.16 9.59 -6.50
CA VAL B 203 9.39 9.86 -5.10
C VAL B 203 10.83 10.33 -4.89
N ASP B 204 11.76 9.58 -5.47
CA ASP B 204 13.17 9.87 -5.30
C ASP B 204 13.47 11.25 -5.89
N THR B 205 12.94 11.52 -7.08
CA THR B 205 13.25 12.78 -7.77
C THR B 205 12.67 14.00 -7.06
N VAL B 206 11.41 13.90 -6.63
CA VAL B 206 10.76 15.06 -6.00
C VAL B 206 11.33 15.32 -4.61
N CYS B 207 11.51 14.26 -3.83
CA CYS B 207 12.01 14.41 -2.46
C CYS B 207 13.43 14.95 -2.44
N ALA B 208 14.30 14.44 -3.32
CA ALA B 208 15.68 14.95 -3.41
C ALA B 208 15.71 16.45 -3.68
N HIS B 209 14.92 16.89 -4.64
CA HIS B 209 14.98 18.28 -5.07
C HIS B 209 14.29 19.24 -4.11
N PHE B 210 13.04 18.94 -3.78
CA PHE B 210 12.22 19.87 -3.00
C PHE B 210 12.42 19.77 -1.50
N ARG B 211 12.92 18.63 -1.04
CA ARG B 211 13.03 18.40 0.39
C ARG B 211 14.45 18.06 0.85
N GLN B 212 15.41 18.10 -0.07
CA GLN B 212 16.75 17.57 0.23
C GLN B 212 16.67 16.19 0.88
N ALA B 213 15.79 15.35 0.35
CA ALA B 213 15.62 14.02 0.92
C ALA B 213 15.54 12.94 -0.14
N PRO B 214 16.67 12.61 -0.79
CA PRO B 214 16.65 11.46 -1.70
C PRO B 214 16.37 10.20 -0.88
N ILE B 215 15.96 9.12 -1.54
CA ILE B 215 15.74 7.86 -0.82
C ILE B 215 17.07 7.48 -0.17
N PRO B 216 17.11 7.33 1.17
CA PRO B 216 18.37 7.12 1.90
C PRO B 216 19.19 5.92 1.40
N ALA B 217 20.50 6.12 1.29
CA ALA B 217 21.43 5.07 0.87
C ALA B 217 21.45 3.90 1.84
N GLU B 218 21.07 4.15 3.09
CA GLU B 218 20.83 3.08 4.05
C GLU B 218 19.91 2.03 3.43
N LEU B 219 18.92 2.48 2.66
CA LEU B 219 18.03 1.58 1.96
C LEU B 219 18.69 1.03 0.69
N ARG B 220 19.69 0.18 0.86
CA ARG B 220 20.51 -0.27 -0.28
C ARG B 220 19.78 -1.18 -1.27
N GLY B 221 18.79 -1.91 -0.78
CA GLY B 221 17.91 -2.66 -1.67
C GLY B 221 17.22 -1.71 -2.64
N VAL B 222 16.57 -0.71 -2.09
CA VAL B 222 15.85 0.28 -2.89
C VAL B 222 16.75 1.06 -3.87
N ARG B 223 17.93 1.48 -3.41
CA ARG B 223 18.83 2.27 -4.27
C ARG B 223 19.42 1.44 -5.42
N ARG B 224 19.66 0.16 -5.15
CA ARG B 224 20.18 -0.76 -6.15
C ARG B 224 19.10 -1.11 -7.17
N TYR B 225 17.89 -1.30 -6.67
CA TYR B 225 16.70 -1.49 -7.49
C TYR B 225 16.60 -0.37 -8.52
N LEU B 226 16.66 0.86 -8.04
CA LEU B 226 16.57 2.03 -8.91
C LEU B 226 17.77 2.12 -9.85
N ASP B 227 18.96 1.79 -9.35
CA ASP B 227 20.15 1.78 -10.20
C ASP B 227 20.05 0.75 -11.32
N SER B 228 19.59 -0.45 -10.98
CA SER B 228 19.38 -1.48 -12.00
C SER B 228 18.34 -1.05 -13.05
N ALA B 229 17.27 -0.41 -12.61
CA ALA B 229 16.24 0.07 -13.53
C ALA B 229 16.83 1.08 -14.52
N MET B 230 17.66 1.99 -14.03
CA MET B 230 18.34 2.96 -14.90
C MET B 230 19.16 2.30 -16.01
N GLN B 231 19.51 1.04 -15.81
CA GLN B 231 20.35 0.34 -16.77
C GLN B 231 19.55 -0.59 -17.66
N GLU B 232 18.24 -0.64 -17.43
CA GLU B 232 17.35 -1.44 -18.27
C GLU B 232 16.74 -0.50 -19.29
N LYS B 233 16.91 -0.84 -20.55
CA LYS B 233 16.49 0.07 -21.61
C LYS B 233 15.03 0.50 -21.49
N GLU B 234 14.13 -0.43 -21.23
CA GLU B 234 12.70 -0.13 -21.19
C GLU B 234 12.34 0.87 -20.11
N PHE B 235 13.05 0.84 -19.00
CA PHE B 235 12.80 1.89 -18.03
C PHE B 235 13.47 3.21 -18.42
N LYS B 236 14.76 3.15 -18.70
CA LYS B 236 15.52 4.33 -19.06
C LYS B 236 14.83 5.13 -20.18
N TYR B 237 14.39 4.43 -21.22
CA TYR B 237 13.79 5.07 -22.38
C TYR B 237 12.43 5.73 -22.15
N THR B 238 11.65 5.25 -21.18
CA THR B 238 10.27 5.71 -21.00
C THR B 238 10.17 6.72 -19.87
N CYS B 239 11.31 7.03 -19.30
CA CYS B 239 11.41 7.83 -18.11
C CYS B 239 11.39 9.29 -18.53
N PRO B 240 10.45 10.08 -17.98
CA PRO B 240 10.39 11.51 -18.27
C PRO B 240 11.64 12.17 -17.74
N HIS B 241 12.06 13.29 -18.33
CA HIS B 241 13.20 14.03 -17.80
C HIS B 241 12.84 14.54 -16.41
N SER B 242 13.82 14.63 -15.52
CA SER B 242 13.57 15.06 -14.14
C SER B 242 12.83 16.39 -14.08
N ALA B 243 13.13 17.28 -15.03
CA ALA B 243 12.48 18.59 -15.05
C ALA B 243 10.97 18.50 -15.24
N GLU B 244 10.51 17.52 -16.01
CA GLU B 244 9.07 17.33 -16.18
C GLU B 244 8.45 16.92 -14.85
N ILE B 245 9.12 16.00 -14.17
CA ILE B 245 8.62 15.50 -12.90
C ILE B 245 8.55 16.66 -11.91
N LEU B 246 9.64 17.43 -11.82
CA LEU B 246 9.73 18.53 -10.85
C LEU B 246 8.71 19.63 -11.08
N ALA B 247 8.33 19.85 -12.32
CA ALA B 247 7.34 20.87 -12.66
C ALA B 247 5.96 20.45 -12.15
N ALA B 248 5.71 19.14 -12.14
CA ALA B 248 4.43 18.61 -11.71
C ALA B 248 4.16 18.90 -10.24
N TYR B 249 5.21 18.98 -9.44
CA TYR B 249 5.07 19.19 -8.01
C TYR B 249 5.32 20.65 -7.60
N ARG B 250 5.40 21.52 -8.62
CA ARG B 250 5.44 22.98 -8.48
C ARG B 250 6.75 23.59 -8.96
S SO4 C . 1.69 3.57 9.21
O1 SO4 C . 1.00 4.45 10.15
O2 SO4 C . 2.91 4.23 8.74
O3 SO4 C . 2.04 2.30 9.85
O4 SO4 C . 0.82 3.30 8.06
S SO4 D . -23.44 -1.02 16.14
O1 SO4 D . -24.31 -0.78 14.98
O2 SO4 D . -23.82 -2.25 16.83
O3 SO4 D . -22.07 -1.13 15.67
O4 SO4 D . -23.58 0.09 17.08
S SO4 E . -3.05 -0.74 -9.72
O1 SO4 E . -4.27 -0.91 -8.93
O2 SO4 E . -1.99 -0.16 -8.89
O3 SO4 E . -2.63 -2.04 -10.21
O4 SO4 E . -3.33 0.16 -10.84
S SO4 F . 0.28 -18.93 15.93
O1 SO4 F . 0.14 -17.48 15.84
O2 SO4 F . 1.69 -19.31 15.82
O3 SO4 F . -0.24 -19.37 17.23
O4 SO4 F . -0.48 -19.55 14.85
S SO4 G . -3.50 4.83 4.36
O1 SO4 G . -3.47 5.48 5.67
O2 SO4 G . -2.13 4.66 3.88
O3 SO4 G . -4.15 3.52 4.49
O4 SO4 G . -4.28 5.65 3.44
S SO4 H . -1.00 4.45 -5.85
O1 SO4 H . -1.14 5.35 -6.99
O2 SO4 H . -0.77 5.25 -4.65
O3 SO4 H . -2.21 3.65 -5.70
O4 SO4 H . 0.15 3.56 -6.05
S SO4 I . 8.51 -3.13 10.65
O1 SO4 I . 7.38 -3.17 11.56
O2 SO4 I . 9.41 -2.06 11.06
O3 SO4 I . 9.21 -4.40 10.69
O4 SO4 I . 8.04 -2.88 9.29
#